data_7DO4
#
_entry.id   7DO4
#
_cell.length_a   51.800
_cell.length_b   44.250
_cell.length_c   116.530
_cell.angle_alpha   90.000
_cell.angle_beta   98.700
_cell.angle_gamma   90.000
#
_symmetry.space_group_name_H-M   'P 1 21 1'
#
loop_
_entity.id
_entity.type
_entity.pdbx_description
1 polymer 'Isoform 2 of Adhesion G protein-coupled receptor E5'
2 polymer 'Complement decay-accelerating factor'
3 branched 2-acetamido-2-deoxy-beta-D-glucopyranose-(1-4)-2-acetamido-2-deoxy-beta-D-glucopyranose
4 non-polymer 'CALCIUM ION'
5 non-polymer 2-acetamido-2-deoxy-beta-D-glucopyranose
6 water water
#
loop_
_entity_poly.entity_id
_entity_poly.type
_entity_poly.pdbx_seq_one_letter_code
_entity_poly.pdbx_strand_id
1 'polypeptide(L)'
;QDSRGCARWCPQNSSCVNATACRCNPGFSSFSEIITTPTETCDDINECATPSKVSCGKFSDCWNTEGSYDCVCSPGYEPV
SGAKTFKNESENTCQDVDECSSGQHQCDSSTVCFNTVGSYSCRCRPGWKPRHGIPNNQKDTVCED
;
A
2 'polypeptide(L)'
;SDCGLPPDVPNAQPALEGRTSFPEDTVITYKCEESFVKIPGEKDSVICLKGSQWSDIEEFCNRSCEVPTRLNSASLKQPY
ITQNYFPVGTVVEYECRPGYRREPSLSPKLTCLQNLKWSTAVEFCKKKSCPNPGEIRNGQIDVPGGILFGATISFSCNTG
YKLFGSTSSFCLISGSSVQWSDPLPECREIYCPAPPQIDNGIIQGERDHYGYRQSVTYACNKGFTMIGEHSIYCTVNNDE
GEWSGPPPECR
;
B
#
loop_
_chem_comp.id
_chem_comp.type
_chem_comp.name
_chem_comp.formula
CA non-polymer 'CALCIUM ION' 'Ca 2'
NAG D-saccharide, beta linking 2-acetamido-2-deoxy-beta-D-glucopyranose 'C8 H15 N O6'
#
# COMPACT_ATOMS: atom_id res chain seq x y z
N GLY A 5 -10.26 -23.18 -2.09
CA GLY A 5 -8.83 -23.18 -1.86
C GLY A 5 -8.34 -21.95 -1.13
N CYS A 6 -7.06 -21.60 -1.31
CA CYS A 6 -6.51 -20.38 -0.72
C CYS A 6 -5.16 -20.03 -1.34
N ALA A 7 -4.96 -18.75 -1.64
CA ALA A 7 -3.70 -18.28 -2.20
C ALA A 7 -2.68 -18.02 -1.11
N ARG A 8 -1.41 -18.30 -1.43
CA ARG A 8 -0.32 -18.26 -0.47
C ARG A 8 0.67 -17.12 -0.76
N TRP A 9 0.31 -16.21 -1.67
CA TRP A 9 1.20 -15.16 -2.12
C TRP A 9 0.59 -13.76 -2.01
N CYS A 10 -0.51 -13.61 -1.28
CA CYS A 10 -1.23 -12.34 -1.15
C CYS A 10 -0.30 -11.26 -0.63
N PRO A 11 -0.55 -10.00 -0.95
CA PRO A 11 0.28 -8.92 -0.42
C PRO A 11 -0.05 -8.58 1.02
N GLN A 12 0.29 -7.36 1.44
CA GLN A 12 0.26 -7.04 2.87
C GLN A 12 -1.17 -6.96 3.41
N ASN A 13 -2.13 -6.50 2.60
CA ASN A 13 -3.50 -6.25 3.07
C ASN A 13 -4.53 -6.87 2.11
N SER A 14 -4.64 -8.20 2.16
CA SER A 14 -5.62 -8.91 1.35
C SER A 14 -5.94 -10.26 1.99
N SER A 15 -7.00 -10.89 1.49
CA SER A 15 -7.45 -12.19 1.94
C SER A 15 -7.54 -13.14 0.75
N CYS A 16 -7.13 -14.39 0.96
CA CYS A 16 -7.16 -15.38 -0.11
C CYS A 16 -8.59 -15.82 -0.39
N VAL A 17 -9.04 -15.61 -1.62
CA VAL A 17 -10.41 -15.95 -2.03
C VAL A 17 -10.43 -17.21 -2.87
N ASN A 18 -9.71 -17.21 -3.99
CA ASN A 18 -9.37 -18.43 -4.70
C ASN A 18 -7.86 -18.60 -4.60
N ALA A 19 -7.37 -19.77 -5.03
CA ALA A 19 -5.92 -19.95 -4.99
C ALA A 19 -5.20 -19.13 -6.05
N THR A 20 -5.93 -18.51 -6.98
CA THR A 20 -5.34 -17.79 -8.10
C THR A 20 -5.39 -16.28 -7.96
N ALA A 21 -6.14 -15.74 -6.98
CA ALA A 21 -6.27 -14.30 -6.85
C ALA A 21 -6.59 -13.94 -5.40
N CYS A 22 -6.35 -12.66 -5.06
CA CYS A 22 -6.63 -12.10 -3.74
C CYS A 22 -7.61 -10.94 -3.85
N ARG A 23 -8.07 -10.47 -2.67
CA ARG A 23 -9.06 -9.40 -2.55
C ARG A 23 -8.65 -8.42 -1.47
N CYS A 24 -8.71 -7.12 -1.79
CA CYS A 24 -8.26 -6.09 -0.85
C CYS A 24 -9.18 -5.99 0.36
N ASN A 25 -8.58 -5.81 1.54
CA ASN A 25 -9.33 -5.62 2.76
C ASN A 25 -10.12 -4.31 2.72
N PRO A 26 -11.16 -4.19 3.54
CA PRO A 26 -11.90 -2.92 3.58
C PRO A 26 -11.04 -1.78 4.11
N GLY A 27 -11.28 -0.59 3.57
CA GLY A 27 -10.41 0.55 3.80
C GLY A 27 -9.25 0.64 2.83
N PHE A 28 -8.97 -0.42 2.08
CA PHE A 28 -7.87 -0.44 1.13
C PHE A 28 -8.38 -0.67 -0.28
N SER A 29 -7.76 0.02 -1.22
CA SER A 29 -8.14 -0.02 -2.63
C SER A 29 -7.02 -0.60 -3.47
N SER A 30 -7.41 -1.30 -4.52
CA SER A 30 -6.51 -1.81 -5.55
C SER A 30 -6.90 -1.20 -6.88
N PHE A 31 -6.01 -1.34 -7.86
CA PHE A 31 -6.38 -0.92 -9.20
C PHE A 31 -7.17 -1.99 -9.93
N SER A 32 -7.23 -3.21 -9.40
CA SER A 32 -8.07 -4.27 -9.91
C SER A 32 -8.88 -4.84 -8.75
N GLU A 33 -9.99 -5.50 -9.07
CA GLU A 33 -10.79 -6.09 -8.00
C GLU A 33 -10.27 -7.46 -7.60
N ILE A 34 -9.70 -8.22 -8.52
CA ILE A 34 -9.02 -9.46 -8.20
C ILE A 34 -7.53 -9.25 -8.38
N ILE A 35 -6.76 -9.57 -7.33
CA ILE A 35 -5.31 -9.42 -7.34
C ILE A 35 -4.73 -10.71 -7.93
N THR A 36 -4.40 -10.68 -9.22
CA THR A 36 -3.84 -11.85 -9.88
C THR A 36 -2.38 -12.07 -9.50
N THR A 37 -1.51 -11.10 -9.82
CA THR A 37 -0.12 -11.35 -9.52
C THR A 37 0.28 -10.68 -8.21
N PRO A 38 1.27 -11.23 -7.50
CA PRO A 38 1.70 -10.64 -6.23
C PRO A 38 2.49 -9.34 -6.38
N THR A 39 2.78 -8.90 -7.60
CA THR A 39 3.45 -7.63 -7.79
C THR A 39 2.47 -6.45 -7.77
N GLU A 40 1.17 -6.71 -7.85
CA GLU A 40 0.16 -5.69 -7.57
C GLU A 40 0.01 -5.50 -6.06
N THR A 41 -0.35 -4.28 -5.65
CA THR A 41 -0.43 -3.92 -4.24
C THR A 41 -1.77 -3.28 -3.90
N CYS A 42 -2.26 -3.56 -2.68
CA CYS A 42 -3.33 -2.80 -2.06
C CYS A 42 -2.75 -1.60 -1.33
N ASP A 43 -3.37 -0.45 -1.52
CA ASP A 43 -2.95 0.79 -0.86
C ASP A 43 -4.12 1.37 -0.08
N ASP A 44 -3.81 2.15 0.95
CA ASP A 44 -4.86 2.72 1.79
C ASP A 44 -5.56 3.85 1.07
N ILE A 45 -6.89 3.93 1.22
CA ILE A 45 -7.66 5.03 0.66
C ILE A 45 -7.63 6.23 1.59
N ASN A 46 -7.79 7.42 1.00
CA ASN A 46 -7.68 8.68 1.72
C ASN A 46 -9.08 9.17 2.07
N GLU A 47 -9.66 8.58 3.13
CA GLU A 47 -11.02 8.96 3.50
C GLU A 47 -11.11 10.42 3.92
N CYS A 48 -10.00 11.01 4.35
CA CYS A 48 -9.97 12.39 4.78
C CYS A 48 -9.79 13.35 3.62
N ALA A 49 -8.98 12.99 2.65
CA ALA A 49 -8.59 13.94 1.62
C ALA A 49 -9.63 14.04 0.52
N THR A 50 -9.59 15.17 -0.18
CA THR A 50 -10.44 15.42 -1.33
C THR A 50 -10.08 14.49 -2.48
N PRO A 51 -11.09 13.97 -3.19
CA PRO A 51 -12.50 14.19 -2.87
C PRO A 51 -13.09 13.05 -2.06
N SER A 52 -13.55 13.35 -0.84
CA SER A 52 -14.18 12.36 0.01
C SER A 52 -15.58 12.84 0.36
N LYS A 53 -16.57 11.99 0.10
CA LYS A 53 -17.95 12.34 0.40
C LYS A 53 -18.14 12.60 1.89
N VAL A 54 -17.46 11.81 2.73
CA VAL A 54 -17.58 11.98 4.18
C VAL A 54 -16.96 13.31 4.59
N SER A 55 -17.71 14.09 5.36
CA SER A 55 -17.24 15.34 5.95
C SER A 55 -17.42 15.28 7.44
N CYS A 56 -16.37 15.63 8.19
CA CYS A 56 -16.42 15.54 9.64
C CYS A 56 -17.37 16.57 10.23
N GLY A 57 -17.31 17.81 9.73
CA GLY A 57 -18.17 18.87 10.20
C GLY A 57 -17.43 19.98 10.94
N LYS A 58 -18.17 20.66 11.81
CA LYS A 58 -17.68 21.85 12.50
C LYS A 58 -16.66 21.53 13.58
N PHE A 59 -15.68 22.43 13.73
CA PHE A 59 -14.68 22.37 14.81
C PHE A 59 -14.01 21.02 14.90
N SER A 60 -14.04 20.25 13.82
CA SER A 60 -13.57 18.89 13.81
C SER A 60 -12.61 18.71 12.66
N ASP A 61 -11.54 17.95 12.91
CA ASP A 61 -10.52 17.66 11.91
C ASP A 61 -10.57 16.17 11.58
N CYS A 62 -10.33 15.86 10.31
CA CYS A 62 -10.23 14.49 9.84
C CYS A 62 -8.78 14.03 9.91
N TRP A 63 -8.58 12.76 10.24
CA TRP A 63 -7.23 12.19 10.36
C TRP A 63 -7.20 10.83 9.70
N ASN A 64 -6.69 10.78 8.48
CA ASN A 64 -6.56 9.52 7.76
C ASN A 64 -5.65 8.56 8.52
N THR A 65 -6.10 7.30 8.62
CA THR A 65 -5.30 6.23 9.20
C THR A 65 -5.28 5.06 8.24
N GLU A 66 -4.42 4.09 8.50
CA GLU A 66 -4.44 2.86 7.74
C GLU A 66 -5.74 2.11 7.98
N GLY A 67 -6.51 1.89 6.91
CA GLY A 67 -7.75 1.15 7.01
C GLY A 67 -8.84 1.81 7.80
N SER A 68 -8.76 3.12 8.04
CA SER A 68 -9.78 3.81 8.82
C SER A 68 -9.58 5.31 8.72
N TYR A 69 -10.62 6.05 9.08
CA TYR A 69 -10.58 7.50 9.20
C TYR A 69 -11.18 7.90 10.54
N ASP A 70 -10.65 8.98 11.10
CA ASP A 70 -11.04 9.45 12.43
C ASP A 70 -11.37 10.94 12.38
N CYS A 71 -12.57 11.31 12.82
CA CYS A 71 -12.92 12.69 13.08
C CYS A 71 -12.77 12.97 14.56
N VAL A 72 -12.11 14.10 14.89
CA VAL A 72 -11.96 14.53 16.27
C VAL A 72 -12.22 16.03 16.34
N CYS A 73 -12.74 16.48 17.48
CA CYS A 73 -12.95 17.90 17.70
C CYS A 73 -11.60 18.60 17.88
N SER A 74 -11.42 19.72 17.17
CA SER A 74 -10.17 20.46 17.23
C SER A 74 -9.90 20.94 18.65
N PRO A 75 -8.64 21.25 18.98
CA PRO A 75 -8.35 21.78 20.32
C PRO A 75 -9.05 23.10 20.56
N GLY A 76 -9.28 23.42 21.83
CA GLY A 76 -10.15 24.51 22.19
C GLY A 76 -11.62 24.17 22.18
N TYR A 77 -12.00 23.01 21.63
CA TYR A 77 -13.35 22.50 21.63
C TYR A 77 -13.31 21.08 22.20
N GLU A 78 -14.47 20.57 22.60
CA GLU A 78 -14.58 19.23 23.16
C GLU A 78 -15.90 18.62 22.74
N PRO A 79 -16.01 17.30 22.73
CA PRO A 79 -17.31 16.68 22.49
C PRO A 79 -18.15 16.64 23.76
N VAL A 80 -19.47 16.75 23.57
CA VAL A 80 -20.38 16.62 24.70
C VAL A 80 -20.47 15.17 25.15
N SER A 81 -20.62 14.24 24.20
CA SER A 81 -20.87 12.84 24.53
C SER A 81 -19.62 12.09 24.99
N GLY A 82 -18.47 12.74 25.06
CA GLY A 82 -17.27 12.07 25.50
C GLY A 82 -16.62 11.24 24.41
N ALA A 83 -17.44 10.69 23.52
CA ALA A 83 -16.94 9.90 22.39
C ALA A 83 -16.07 10.76 21.49
N LYS A 84 -14.75 10.49 21.50
CA LYS A 84 -13.81 11.33 20.78
C LYS A 84 -13.93 11.15 19.26
N THR A 85 -13.87 9.91 18.79
CA THR A 85 -13.93 9.63 17.37
C THR A 85 -15.37 9.45 16.90
N PHE A 86 -15.69 10.05 15.75
CA PHE A 86 -16.97 9.81 15.09
C PHE A 86 -16.73 9.67 13.59
N LYS A 87 -17.80 9.31 12.87
CA LYS A 87 -17.67 8.79 11.52
C LYS A 87 -18.23 9.72 10.44
N ASN A 88 -19.33 10.40 10.67
CA ASN A 88 -19.73 11.43 9.70
C ASN A 88 -20.39 12.57 10.46
N GLU A 89 -20.94 13.52 9.71
CA GLU A 89 -21.28 14.84 10.26
C GLU A 89 -22.36 14.76 11.34
N SER A 90 -23.36 13.90 11.15
CA SER A 90 -24.48 13.82 12.08
C SER A 90 -24.06 13.44 13.50
N GLU A 91 -22.85 12.92 13.67
CA GLU A 91 -22.33 12.59 14.99
C GLU A 91 -21.49 13.72 15.61
N ASN A 92 -21.34 14.84 14.91
CA ASN A 92 -20.57 15.96 15.43
C ASN A 92 -21.26 16.59 16.63
N THR A 93 -20.54 16.67 17.75
CA THR A 93 -21.05 17.22 18.99
C THR A 93 -20.04 18.17 19.63
N CYS A 94 -19.19 18.79 18.80
CA CYS A 94 -18.11 19.64 19.32
C CYS A 94 -18.63 20.96 19.86
N GLN A 95 -18.13 21.33 21.04
CA GLN A 95 -18.57 22.47 21.82
C GLN A 95 -17.34 23.22 22.33
N ASP A 96 -17.43 24.54 22.39
CA ASP A 96 -16.28 25.34 22.82
C ASP A 96 -16.02 25.17 24.30
N VAL A 97 -14.75 25.19 24.67
CA VAL A 97 -14.33 25.10 26.07
C VAL A 97 -14.58 26.43 26.75
N ASP A 98 -15.18 26.38 27.95
CA ASP A 98 -15.20 27.53 28.85
C ASP A 98 -13.87 27.55 29.59
N GLU A 99 -12.89 28.22 28.98
CA GLU A 99 -11.58 28.33 29.62
C GLU A 99 -11.61 29.21 30.86
N CYS A 100 -12.68 29.99 31.06
CA CYS A 100 -12.79 30.88 32.21
C CYS A 100 -13.26 30.12 33.44
N SER A 101 -14.37 29.36 33.28
CA SER A 101 -14.92 28.58 34.39
C SER A 101 -14.13 27.29 34.62
N SER A 102 -13.06 27.05 33.87
CA SER A 102 -12.13 25.97 34.15
C SER A 102 -10.86 26.44 34.86
N GLY A 103 -10.56 27.73 34.82
CA GLY A 103 -9.39 28.26 35.47
C GLY A 103 -8.07 27.98 34.77
N GLN A 104 -8.10 27.29 33.64
CA GLN A 104 -6.87 26.89 32.95
C GLN A 104 -6.57 27.84 31.78
N HIS A 105 -6.49 29.13 32.12
CA HIS A 105 -6.07 30.19 31.21
C HIS A 105 -4.69 30.69 31.61
N GLN A 106 -4.26 31.80 30.99
CA GLN A 106 -2.95 32.34 31.30
C GLN A 106 -2.94 33.87 31.39
N CYS A 107 -4.10 34.50 31.49
CA CYS A 107 -4.16 35.93 31.72
C CYS A 107 -3.66 36.24 33.14
N ASP A 108 -3.26 37.49 33.37
CA ASP A 108 -2.67 37.87 34.65
C ASP A 108 -3.73 38.55 35.54
N SER A 109 -3.27 39.25 36.58
CA SER A 109 -4.17 39.90 37.52
C SER A 109 -4.81 41.14 36.91
N SER A 110 -4.06 41.88 36.08
CA SER A 110 -4.54 43.10 35.45
C SER A 110 -5.65 42.84 34.43
N THR A 111 -5.92 41.60 34.08
CA THR A 111 -6.88 41.28 33.04
C THR A 111 -7.98 40.38 33.60
N VAL A 112 -8.80 39.85 32.70
CA VAL A 112 -9.90 38.95 33.07
C VAL A 112 -10.11 37.97 31.93
N CYS A 113 -10.43 36.72 32.28
CA CYS A 113 -10.63 35.71 31.26
C CYS A 113 -11.84 36.06 30.39
N PHE A 114 -11.68 35.89 29.09
CA PHE A 114 -12.72 36.24 28.11
C PHE A 114 -12.94 35.03 27.23
N ASN A 115 -14.02 34.29 27.47
CA ASN A 115 -14.33 33.12 26.67
C ASN A 115 -14.65 33.55 25.24
N THR A 116 -13.94 32.97 24.26
CA THR A 116 -14.30 33.15 22.86
C THR A 116 -14.61 31.81 22.23
N VAL A 117 -14.24 31.64 20.97
CA VAL A 117 -14.59 30.46 20.18
C VAL A 117 -13.29 29.74 19.86
N GLY A 118 -13.05 28.63 20.56
CA GLY A 118 -11.82 27.88 20.41
C GLY A 118 -10.68 28.38 21.27
N SER A 119 -10.79 29.59 21.82
CA SER A 119 -9.74 30.13 22.69
C SER A 119 -10.29 31.19 23.62
N TYR A 120 -9.45 32.14 24.01
CA TYR A 120 -9.82 33.20 24.93
C TYR A 120 -8.93 34.41 24.67
N SER A 121 -9.26 35.50 25.35
CA SER A 121 -8.44 36.71 25.34
C SER A 121 -8.51 37.32 26.74
N CYS A 122 -7.94 38.51 26.90
CA CYS A 122 -7.86 39.14 28.21
C CYS A 122 -8.31 40.60 28.10
N ARG A 123 -9.39 40.95 28.79
CA ARG A 123 -9.87 42.32 28.87
C ARG A 123 -9.40 42.97 30.17
N CYS A 124 -9.16 44.29 30.11
CA CYS A 124 -8.81 45.03 31.30
C CYS A 124 -9.96 44.97 32.31
N ARG A 125 -9.62 44.87 33.59
CA ARG A 125 -10.63 45.02 34.62
C ARG A 125 -11.32 46.37 34.46
N PRO A 126 -12.64 46.45 34.68
CA PRO A 126 -13.32 47.75 34.58
C PRO A 126 -12.65 48.83 35.42
N GLY A 127 -12.17 49.87 34.77
CA GLY A 127 -11.41 50.91 35.42
C GLY A 127 -9.91 50.76 35.35
N TRP A 128 -9.39 50.15 34.29
CA TRP A 128 -7.97 49.86 34.16
C TRP A 128 -7.48 50.27 32.78
N LYS A 129 -6.26 50.80 32.75
CA LYS A 129 -5.72 51.37 31.54
C LYS A 129 -4.64 50.47 30.96
N PRO A 130 -4.78 50.05 29.71
CA PRO A 130 -3.70 49.28 29.07
C PRO A 130 -2.51 50.18 28.80
N ARG A 131 -1.31 49.68 29.13
CA ARG A 131 -0.09 50.41 28.83
C ARG A 131 -0.05 50.75 27.34
N HIS A 132 0.56 51.90 27.03
CA HIS A 132 0.26 52.55 25.75
C HIS A 132 0.66 51.67 24.56
N GLY A 133 1.83 51.02 24.63
CA GLY A 133 2.31 50.28 23.48
C GLY A 133 1.57 48.98 23.23
N ILE A 134 1.10 48.32 24.29
CA ILE A 134 0.45 47.02 24.16
C ILE A 134 -0.99 47.20 23.67
N PRO A 135 -1.55 46.24 22.95
CA PRO A 135 -2.97 46.31 22.58
C PRO A 135 -3.87 45.61 23.58
N ASN A 136 -5.06 46.18 23.74
CA ASN A 136 -6.07 45.64 24.62
C ASN A 136 -6.80 44.49 23.93
N ASN A 137 -7.49 43.69 24.75
CA ASN A 137 -8.38 42.63 24.26
C ASN A 137 -7.59 41.54 23.54
N GLN A 138 -6.45 41.16 24.09
CA GLN A 138 -5.61 40.14 23.50
C GLN A 138 -4.96 39.36 24.64
N LYS A 139 -4.28 38.26 24.30
CA LYS A 139 -3.71 37.41 25.34
C LYS A 139 -2.54 38.07 26.06
N ASP A 140 -1.89 39.07 25.46
CA ASP A 140 -0.75 39.73 26.08
C ASP A 140 -1.09 41.10 26.66
N THR A 141 -2.36 41.31 27.03
CA THR A 141 -2.80 42.60 27.54
C THR A 141 -2.30 42.82 28.97
N VAL A 142 -1.74 44.01 29.21
CA VAL A 142 -1.33 44.44 30.54
C VAL A 142 -1.99 45.79 30.83
N CYS A 143 -2.68 45.90 31.96
CA CYS A 143 -3.39 47.11 32.33
C CYS A 143 -2.86 47.67 33.64
N GLU A 144 -3.22 48.92 33.91
CA GLU A 144 -2.80 49.60 35.13
C GLU A 144 -3.80 50.68 35.53
N SER B 1 -33.22 39.59 20.34
CA SER B 1 -33.12 38.16 20.11
C SER B 1 -33.40 37.80 18.65
N ASP B 2 -32.35 37.76 17.84
CA ASP B 2 -32.46 37.39 16.43
C ASP B 2 -31.06 37.15 15.86
N CYS B 3 -31.02 36.73 14.61
CA CYS B 3 -29.77 36.63 13.86
C CYS B 3 -29.99 37.09 12.42
N GLY B 4 -28.88 37.34 11.73
CA GLY B 4 -28.91 37.74 10.34
C GLY B 4 -28.01 36.89 9.46
N LEU B 5 -27.68 37.37 8.27
CA LEU B 5 -26.86 36.60 7.35
C LEU B 5 -25.45 36.44 7.90
N PRO B 6 -24.79 35.31 7.59
CA PRO B 6 -23.43 35.11 8.03
C PRO B 6 -22.47 35.94 7.20
N PRO B 7 -21.24 36.15 7.70
CA PRO B 7 -20.25 36.93 6.94
C PRO B 7 -19.92 36.28 5.60
N ASP B 8 -19.00 36.86 4.85
CA ASP B 8 -18.49 36.23 3.64
C ASP B 8 -17.01 35.98 3.86
N VAL B 9 -16.66 34.74 4.17
CA VAL B 9 -15.25 34.37 4.31
C VAL B 9 -14.64 34.21 2.93
N PRO B 10 -13.47 34.78 2.68
CA PRO B 10 -12.82 34.63 1.38
C PRO B 10 -12.50 33.17 1.09
N ASN B 11 -12.79 32.73 -0.13
CA ASN B 11 -12.42 31.40 -0.62
C ASN B 11 -13.09 30.30 0.20
N ALA B 12 -14.36 30.50 0.52
CA ALA B 12 -15.13 29.52 1.27
C ALA B 12 -16.61 29.88 1.10
N GLN B 13 -17.47 28.91 1.42
CA GLN B 13 -18.89 29.07 1.21
C GLN B 13 -19.65 28.43 2.37
N PRO B 14 -20.61 29.14 2.96
CA PRO B 14 -21.37 28.58 4.07
C PRO B 14 -22.47 27.66 3.57
N ALA B 15 -22.87 26.74 4.46
CA ALA B 15 -23.99 25.85 4.18
C ALA B 15 -25.23 26.48 4.79
N LEU B 16 -25.94 27.28 3.98
CA LEU B 16 -27.12 27.99 4.48
C LEU B 16 -28.24 27.03 4.84
N GLU B 17 -28.36 25.92 4.10
CA GLU B 17 -29.43 24.94 4.31
C GLU B 17 -30.81 25.60 4.19
N GLY B 18 -30.90 26.63 3.35
CA GLY B 18 -32.15 27.33 3.09
C GLY B 18 -32.76 27.98 4.31
N ARG B 19 -31.97 28.68 5.10
CA ARG B 19 -32.44 29.37 6.30
C ARG B 19 -32.43 30.87 6.06
N THR B 20 -33.62 31.49 6.11
CA THR B 20 -33.72 32.94 5.96
C THR B 20 -33.15 33.66 7.16
N SER B 21 -33.62 33.31 8.35
CA SER B 21 -33.07 33.82 9.59
C SER B 21 -32.60 32.66 10.45
N PHE B 22 -31.76 32.97 11.42
CA PHE B 22 -31.22 31.94 12.25
C PHE B 22 -31.50 32.26 13.72
N PRO B 23 -31.91 31.27 14.51
CA PRO B 23 -32.01 31.50 15.96
C PRO B 23 -30.62 31.55 16.58
N GLU B 24 -30.56 32.13 17.78
CA GLU B 24 -29.29 32.16 18.49
C GLU B 24 -28.88 30.75 18.89
N ASP B 25 -27.57 30.54 18.97
CA ASP B 25 -26.89 29.26 19.21
C ASP B 25 -26.92 28.35 18.00
N THR B 26 -27.54 28.74 16.88
CA THR B 26 -27.33 28.02 15.65
C THR B 26 -25.93 28.32 15.13
N VAL B 27 -25.37 27.34 14.43
CA VAL B 27 -23.99 27.42 13.94
C VAL B 27 -24.00 27.02 12.47
N ILE B 28 -23.32 27.81 11.64
CA ILE B 28 -23.17 27.52 10.22
C ILE B 28 -21.70 27.31 9.93
N THR B 29 -21.39 26.29 9.13
CA THR B 29 -20.01 25.95 8.80
C THR B 29 -19.72 26.32 7.35
N TYR B 30 -18.60 27.03 7.16
CA TYR B 30 -18.04 27.33 5.85
C TYR B 30 -17.21 26.14 5.37
N LYS B 31 -17.07 26.02 4.05
CA LYS B 31 -16.34 24.91 3.44
C LYS B 31 -15.44 25.46 2.34
N CYS B 32 -14.14 25.18 2.44
CA CYS B 32 -13.24 25.50 1.35
C CYS B 32 -13.70 24.74 0.11
N GLU B 33 -13.87 25.46 -1.00
CA GLU B 33 -14.60 24.91 -2.13
C GLU B 33 -13.74 24.44 -3.31
N GLU B 34 -12.69 25.17 -3.68
CA GLU B 34 -11.94 24.84 -4.91
C GLU B 34 -10.47 25.07 -4.65
N SER B 35 -9.67 23.99 -4.65
CA SER B 35 -8.22 24.01 -4.48
C SER B 35 -7.80 24.29 -3.04
N PHE B 36 -8.75 24.61 -2.16
CA PHE B 36 -8.44 24.93 -0.77
C PHE B 36 -8.96 23.85 0.16
N VAL B 37 -8.24 23.61 1.25
CA VAL B 37 -8.65 22.70 2.31
C VAL B 37 -8.36 23.36 3.65
N LYS B 38 -9.05 22.90 4.69
CA LYS B 38 -9.05 23.55 5.99
C LYS B 38 -7.75 23.31 6.76
N ILE B 39 -7.27 24.36 7.44
CA ILE B 39 -6.13 24.24 8.35
C ILE B 39 -6.54 23.44 9.58
N PRO B 40 -5.72 22.50 10.07
CA PRO B 40 -6.05 21.80 11.31
C PRO B 40 -6.18 22.76 12.48
N GLY B 41 -7.31 22.67 13.18
CA GLY B 41 -7.57 23.49 14.35
C GLY B 41 -8.17 24.84 14.08
N GLU B 42 -8.21 25.28 12.82
CA GLU B 42 -8.86 26.56 12.51
C GLU B 42 -10.36 26.45 12.71
N LYS B 43 -11.02 27.61 12.72
CA LYS B 43 -12.45 27.68 12.95
C LYS B 43 -13.14 27.64 11.59
N ASP B 44 -13.87 26.57 11.31
CA ASP B 44 -14.59 26.47 10.05
C ASP B 44 -16.05 26.91 10.17
N SER B 45 -16.49 27.31 11.36
CA SER B 45 -17.87 27.74 11.53
C SER B 45 -17.92 28.98 12.41
N VAL B 46 -19.10 29.62 12.39
CA VAL B 46 -19.40 30.81 13.17
C VAL B 46 -20.77 30.63 13.82
N ILE B 47 -20.80 30.65 15.13
CA ILE B 47 -22.05 30.52 15.87
C ILE B 47 -22.70 31.89 15.96
N CYS B 48 -24.02 31.91 16.14
CA CYS B 48 -24.74 33.16 16.30
C CYS B 48 -24.91 33.47 17.78
N LEU B 49 -24.44 34.66 18.17
CA LEU B 49 -24.38 35.09 19.56
C LEU B 49 -25.59 35.96 19.91
N LYS B 50 -25.66 36.31 21.19
CA LYS B 50 -26.75 37.13 21.70
C LYS B 50 -26.66 38.54 21.14
N GLY B 51 -27.78 39.05 20.63
CA GLY B 51 -27.79 40.32 19.95
C GLY B 51 -27.37 40.26 18.50
N SER B 52 -27.61 39.10 17.90
CA SER B 52 -27.33 38.83 16.50
C SER B 52 -25.87 39.00 16.17
N GLN B 53 -25.00 38.64 17.09
CA GLN B 53 -23.60 38.79 16.88
C GLN B 53 -22.95 37.47 16.48
N TRP B 54 -22.15 37.55 15.42
CA TRP B 54 -21.43 36.45 14.81
C TRP B 54 -19.95 36.52 15.17
N SER B 55 -19.32 35.41 15.48
CA SER B 55 -17.89 35.37 15.83
C SER B 55 -16.94 35.65 14.66
N ASP B 56 -15.80 36.30 14.89
CA ASP B 56 -14.91 36.62 13.79
C ASP B 56 -14.09 35.41 13.37
N ILE B 57 -14.03 35.19 12.06
CA ILE B 57 -13.30 34.07 11.47
C ILE B 57 -12.19 34.63 10.61
N GLU B 58 -10.95 34.29 10.93
CA GLU B 58 -9.86 34.51 10.00
C GLU B 58 -9.96 33.51 8.86
N GLU B 59 -9.45 33.91 7.69
CA GLU B 59 -9.41 32.99 6.57
C GLU B 59 -8.63 31.74 6.98
N PHE B 60 -9.24 30.59 6.75
CA PHE B 60 -8.73 29.32 7.25
C PHE B 60 -8.45 28.32 6.15
N CYS B 61 -8.65 28.71 4.89
CA CYS B 61 -8.25 27.91 3.75
C CYS B 61 -6.87 28.36 3.27
N ASN B 62 -6.18 27.45 2.59
CA ASN B 62 -4.89 27.76 2.03
C ASN B 62 -4.68 26.82 0.86
N ARG B 63 -3.83 27.25 -0.05
CA ARG B 63 -3.47 26.45 -1.22
C ARG B 63 -2.98 25.07 -0.80
N SER B 64 -3.39 24.04 -1.56
CA SER B 64 -3.00 22.69 -1.16
C SER B 64 -2.96 21.75 -2.35
N CYS B 65 -1.88 20.97 -2.45
CA CYS B 65 -1.85 19.81 -3.32
C CYS B 65 -2.85 18.77 -2.82
N GLU B 66 -3.12 17.79 -3.67
CA GLU B 66 -4.01 16.71 -3.28
C GLU B 66 -3.15 15.59 -2.69
N VAL B 67 -3.68 14.36 -2.70
CA VAL B 67 -3.02 13.26 -1.99
C VAL B 67 -1.69 12.95 -2.67
N PRO B 68 -0.63 12.59 -1.93
CA PRO B 68 0.57 12.09 -2.59
C PRO B 68 0.25 10.97 -3.58
N THR B 69 1.02 10.93 -4.66
CA THR B 69 0.75 10.01 -5.74
C THR B 69 0.95 8.57 -5.29
N ARG B 70 0.15 7.67 -5.87
CA ARG B 70 0.35 6.25 -5.67
C ARG B 70 1.59 5.80 -6.45
N LEU B 71 2.52 5.17 -5.74
CA LEU B 71 3.76 4.69 -6.35
C LEU B 71 3.84 3.18 -6.19
N ASN B 72 4.25 2.50 -7.28
CA ASN B 72 4.52 1.07 -7.18
C ASN B 72 5.84 0.79 -6.46
N SER B 73 6.73 1.76 -6.38
CA SER B 73 8.03 1.54 -5.74
C SER B 73 7.94 1.67 -4.22
N ALA B 74 7.07 2.52 -3.71
CA ALA B 74 7.16 2.88 -2.31
C ALA B 74 5.81 3.39 -1.81
N SER B 75 5.74 3.59 -0.50
CA SER B 75 4.55 4.11 0.16
C SER B 75 4.98 5.22 1.12
N LEU B 76 4.00 6.02 1.51
CA LEU B 76 4.26 7.11 2.45
C LEU B 76 4.75 6.55 3.77
N LYS B 77 5.88 7.10 4.25
CA LYS B 77 6.36 6.80 5.60
C LYS B 77 5.26 7.08 6.63
N GLN B 78 5.47 6.61 7.86
CA GLN B 78 4.41 6.50 8.85
C GLN B 78 3.89 7.83 9.41
N PRO B 79 4.73 8.81 9.77
CA PRO B 79 4.18 10.11 10.19
C PRO B 79 3.29 10.74 9.13
N TYR B 80 3.63 10.54 7.86
CA TYR B 80 3.01 11.25 6.75
C TYR B 80 1.68 10.64 6.31
N ILE B 81 1.26 9.50 6.86
CA ILE B 81 0.01 8.90 6.42
C ILE B 81 -1.20 9.67 6.95
N THR B 82 -1.08 10.26 8.14
CA THR B 82 -2.23 10.91 8.77
C THR B 82 -2.55 12.24 8.11
N GLN B 83 -1.56 12.92 7.55
CA GLN B 83 -1.74 14.26 7.01
C GLN B 83 -2.74 14.27 5.85
N ASN B 84 -3.60 15.30 5.84
CA ASN B 84 -4.53 15.53 4.75
C ASN B 84 -4.44 16.95 4.21
N TYR B 85 -3.54 17.77 4.74
CA TYR B 85 -3.33 19.15 4.33
C TYR B 85 -1.91 19.28 3.79
N PHE B 86 -1.76 19.83 2.59
CA PHE B 86 -0.45 19.94 1.94
C PHE B 86 -0.30 21.32 1.30
N PRO B 87 0.12 22.32 2.07
CA PRO B 87 0.40 23.63 1.49
C PRO B 87 1.64 23.59 0.60
N VAL B 88 1.85 24.71 -0.10
CA VAL B 88 2.95 24.79 -1.05
C VAL B 88 4.29 24.68 -0.32
N GLY B 89 5.09 23.71 -0.74
CA GLY B 89 6.37 23.45 -0.11
C GLY B 89 6.39 22.28 0.85
N THR B 90 5.35 21.44 0.83
CA THR B 90 5.26 20.34 1.78
C THR B 90 6.08 19.15 1.31
N VAL B 91 6.97 18.68 2.16
CA VAL B 91 7.82 17.53 1.88
C VAL B 91 7.21 16.29 2.55
N VAL B 92 7.28 15.16 1.87
CA VAL B 92 6.81 13.88 2.42
C VAL B 92 7.86 12.82 2.13
N GLU B 93 8.08 11.93 3.09
CA GLU B 93 9.03 10.85 2.89
C GLU B 93 8.35 9.66 2.22
N TYR B 94 9.16 8.63 1.97
CA TYR B 94 8.72 7.39 1.34
C TYR B 94 9.68 6.29 1.78
N GLU B 95 9.15 5.07 1.89
CA GLU B 95 9.94 3.89 2.23
C GLU B 95 9.63 2.80 1.22
N CYS B 96 10.65 2.01 0.86
CA CYS B 96 10.47 1.00 -0.18
C CYS B 96 9.50 -0.09 0.26
N ARG B 97 8.72 -0.59 -0.71
CA ARG B 97 7.76 -1.67 -0.55
C ARG B 97 8.42 -3.00 -0.20
N PRO B 98 7.64 -4.06 0.09
CA PRO B 98 8.25 -5.33 0.53
C PRO B 98 9.35 -5.88 -0.37
N GLY B 99 9.18 -5.86 -1.69
CA GLY B 99 10.17 -6.49 -2.55
C GLY B 99 11.08 -5.53 -3.28
N TYR B 100 11.36 -4.37 -2.67
CA TYR B 100 12.09 -3.30 -3.32
C TYR B 100 13.23 -2.77 -2.43
N ARG B 101 14.20 -2.13 -3.08
CA ARG B 101 15.40 -1.61 -2.43
C ARG B 101 15.63 -0.16 -2.84
N ARG B 102 16.27 0.61 -1.97
CA ARG B 102 16.51 2.03 -2.24
C ARG B 102 17.65 2.22 -3.22
N GLU B 103 17.43 3.07 -4.23
CA GLU B 103 18.49 3.49 -5.14
C GLU B 103 19.17 4.72 -4.54
N PRO B 104 20.37 4.57 -3.96
CA PRO B 104 20.88 5.60 -3.05
C PRO B 104 21.14 6.95 -3.67
N SER B 105 21.23 7.05 -5.00
CA SER B 105 21.50 8.35 -5.62
C SER B 105 20.29 9.27 -5.60
N LEU B 106 19.08 8.72 -5.46
CA LEU B 106 17.88 9.51 -5.57
C LEU B 106 17.35 9.90 -4.19
N SER B 107 16.21 10.58 -4.20
CA SER B 107 15.64 11.20 -3.01
C SER B 107 14.33 10.52 -2.65
N PRO B 108 14.20 9.97 -1.43
CA PRO B 108 12.92 9.38 -1.01
C PRO B 108 11.90 10.44 -0.63
N LYS B 109 11.83 11.52 -1.40
CA LYS B 109 10.99 12.66 -1.05
C LYS B 109 10.49 13.34 -2.33
N LEU B 110 9.30 13.92 -2.23
CA LEU B 110 8.77 14.76 -3.30
C LEU B 110 7.81 15.75 -2.66
N THR B 111 7.88 17.01 -3.10
CA THR B 111 7.21 18.10 -2.40
C THR B 111 6.13 18.73 -3.26
N CYS B 112 5.23 19.44 -2.59
CA CYS B 112 4.11 20.09 -3.24
C CYS B 112 4.55 21.40 -3.90
N LEU B 113 4.11 21.60 -5.13
CA LEU B 113 4.50 22.73 -5.95
C LEU B 113 3.37 23.74 -6.01
N GLN B 114 3.68 24.90 -6.62
CA GLN B 114 2.71 26.00 -6.69
C GLN B 114 1.61 25.73 -7.71
N ASN B 115 1.75 24.69 -8.52
CA ASN B 115 0.72 24.27 -9.46
C ASN B 115 -0.31 23.35 -8.81
N LEU B 116 -0.29 23.24 -7.48
CA LEU B 116 -1.11 22.30 -6.72
C LEU B 116 -0.93 20.86 -7.18
N LYS B 117 0.20 20.58 -7.83
CA LYS B 117 0.55 19.25 -8.28
C LYS B 117 1.86 18.85 -7.62
N TRP B 118 2.00 17.57 -7.33
CA TRP B 118 3.21 17.09 -6.70
C TRP B 118 4.37 17.08 -7.70
N SER B 119 5.57 17.23 -7.16
CA SER B 119 6.76 17.14 -7.98
C SER B 119 6.83 15.77 -8.65
N THR B 120 7.55 15.71 -9.77
CA THR B 120 7.62 14.49 -10.56
C THR B 120 8.21 13.36 -9.72
N ALA B 121 7.52 12.22 -9.72
CA ALA B 121 7.98 11.06 -8.97
C ALA B 121 9.16 10.42 -9.68
N VAL B 122 10.10 9.90 -8.90
CA VAL B 122 11.21 9.13 -9.43
C VAL B 122 11.15 7.73 -8.84
N GLU B 123 11.87 6.81 -9.49
CA GLU B 123 11.91 5.42 -9.05
C GLU B 123 13.14 5.29 -8.15
N PHE B 124 13.01 5.85 -6.94
CA PHE B 124 14.09 5.77 -5.98
C PHE B 124 14.13 4.40 -5.32
N CYS B 125 13.10 3.57 -5.51
CA CYS B 125 13.13 2.18 -5.08
C CYS B 125 13.04 1.30 -6.31
N LYS B 126 14.07 0.46 -6.51
CA LYS B 126 14.10 -0.50 -7.59
C LYS B 126 13.83 -1.89 -7.04
N LYS B 127 13.37 -2.77 -7.94
CA LYS B 127 13.01 -4.12 -7.55
C LYS B 127 14.23 -4.87 -7.04
N LYS B 128 14.03 -5.76 -6.08
CA LYS B 128 15.12 -6.57 -5.60
C LYS B 128 15.49 -7.63 -6.65
N SER B 129 16.73 -8.10 -6.59
CA SER B 129 17.17 -9.19 -7.44
C SER B 129 17.26 -10.46 -6.60
N CYS B 130 16.45 -11.45 -6.93
CA CYS B 130 16.58 -12.76 -6.34
C CYS B 130 17.94 -13.32 -6.73
N PRO B 131 18.46 -14.31 -5.99
CA PRO B 131 19.79 -14.84 -6.32
C PRO B 131 19.82 -15.40 -7.73
N ASN B 132 21.03 -15.65 -8.22
CA ASN B 132 21.17 -16.27 -9.54
C ASN B 132 20.53 -17.65 -9.50
N PRO B 133 19.83 -18.07 -10.57
CA PRO B 133 19.12 -19.35 -10.50
C PRO B 133 20.05 -20.55 -10.37
N GLY B 134 21.22 -20.53 -10.98
CA GLY B 134 22.10 -21.69 -10.94
C GLY B 134 22.07 -22.47 -12.24
N GLU B 135 22.34 -23.76 -12.18
CA GLU B 135 22.35 -24.59 -13.38
C GLU B 135 21.85 -25.98 -13.01
N ILE B 136 20.88 -26.48 -13.76
CA ILE B 136 20.35 -27.83 -13.57
C ILE B 136 21.29 -28.78 -14.31
N ARG B 137 22.02 -29.62 -13.57
CA ARG B 137 22.85 -30.61 -14.23
C ARG B 137 21.98 -31.52 -15.09
N ASN B 138 22.36 -31.62 -16.37
CA ASN B 138 21.55 -32.32 -17.37
C ASN B 138 20.18 -31.68 -17.55
N GLY B 139 20.12 -30.36 -17.43
CA GLY B 139 18.85 -29.64 -17.55
C GLY B 139 19.07 -28.21 -17.96
N GLN B 140 18.00 -27.61 -18.48
CA GLN B 140 17.97 -26.22 -18.90
C GLN B 140 17.09 -25.37 -17.99
N ILE B 141 17.26 -24.06 -18.10
CA ILE B 141 16.43 -23.07 -17.43
C ILE B 141 16.12 -21.98 -18.44
N ASP B 142 14.86 -21.57 -18.51
CA ASP B 142 14.46 -20.47 -19.39
C ASP B 142 14.14 -19.28 -18.50
N VAL B 143 14.87 -18.18 -18.71
CA VAL B 143 14.64 -16.93 -17.99
C VAL B 143 14.04 -15.95 -18.99
N PRO B 144 12.73 -16.02 -19.24
CA PRO B 144 12.16 -15.16 -20.30
C PRO B 144 12.28 -13.69 -19.95
N GLY B 145 12.11 -13.34 -18.69
CA GLY B 145 12.22 -11.97 -18.21
C GLY B 145 13.56 -11.73 -17.56
N GLY B 146 13.64 -11.96 -16.25
CA GLY B 146 14.86 -11.72 -15.52
C GLY B 146 14.70 -12.14 -14.09
N ILE B 147 15.76 -11.91 -13.30
CA ILE B 147 15.76 -12.38 -11.92
C ILE B 147 15.06 -11.43 -10.97
N LEU B 148 14.55 -10.29 -11.45
CA LEU B 148 13.91 -9.33 -10.57
C LEU B 148 12.64 -9.91 -9.95
N PHE B 149 12.27 -9.33 -8.80
CA PHE B 149 11.12 -9.75 -8.01
C PHE B 149 9.85 -9.79 -8.85
N GLY B 150 9.21 -10.95 -8.87
CA GLY B 150 7.95 -11.11 -9.56
C GLY B 150 8.06 -11.59 -11.00
N ALA B 151 9.05 -12.45 -11.27
CA ALA B 151 9.23 -13.06 -12.57
C ALA B 151 9.39 -14.57 -12.42
N THR B 152 8.77 -15.32 -13.34
CA THR B 152 8.78 -16.77 -13.29
C THR B 152 9.81 -17.32 -14.26
N ILE B 153 10.58 -18.31 -13.81
CA ILE B 153 11.52 -19.03 -14.66
C ILE B 153 11.02 -20.46 -14.83
N SER B 154 11.18 -21.00 -16.03
CA SER B 154 10.73 -22.35 -16.31
C SER B 154 11.90 -23.33 -16.25
N PHE B 155 11.57 -24.61 -16.13
CA PHE B 155 12.55 -25.66 -15.93
C PHE B 155 12.36 -26.75 -16.98
N SER B 156 13.47 -27.25 -17.49
CA SER B 156 13.49 -28.16 -18.61
C SER B 156 14.65 -29.14 -18.42
N CYS B 157 14.41 -30.40 -18.73
CA CYS B 157 15.45 -31.42 -18.70
C CYS B 157 15.91 -31.73 -20.12
N ASN B 158 17.20 -32.02 -20.25
CA ASN B 158 17.74 -32.54 -21.50
C ASN B 158 17.03 -33.84 -21.86
N THR B 159 17.04 -34.15 -23.15
CA THR B 159 16.40 -35.38 -23.63
C THR B 159 17.09 -36.61 -23.06
N GLY B 160 16.29 -37.64 -22.78
CA GLY B 160 16.79 -38.81 -22.10
C GLY B 160 16.87 -38.68 -20.58
N TYR B 161 16.48 -37.54 -20.03
CA TYR B 161 16.41 -37.32 -18.58
C TYR B 161 14.98 -36.96 -18.21
N LYS B 162 14.62 -37.23 -16.95
CA LYS B 162 13.28 -36.98 -16.44
C LYS B 162 13.37 -36.11 -15.19
N LEU B 163 12.65 -34.99 -15.19
CA LEU B 163 12.67 -34.11 -14.03
C LEU B 163 11.69 -34.58 -12.96
N PHE B 164 12.11 -34.46 -11.71
CA PHE B 164 11.27 -34.67 -10.54
C PHE B 164 11.33 -33.40 -9.70
N GLY B 165 10.48 -32.44 -10.06
CA GLY B 165 10.44 -31.18 -9.37
C GLY B 165 9.32 -30.35 -9.96
N SER B 166 9.33 -29.06 -9.63
CA SER B 166 8.31 -28.15 -10.13
C SER B 166 8.65 -27.67 -11.53
N THR B 167 7.61 -27.58 -12.37
CA THR B 167 7.78 -27.11 -13.75
C THR B 167 8.45 -25.75 -13.81
N SER B 168 7.90 -24.77 -13.10
CA SER B 168 8.47 -23.43 -13.05
C SER B 168 8.69 -23.06 -11.59
N SER B 169 9.37 -21.93 -11.40
CA SER B 169 9.61 -21.36 -10.07
C SER B 169 9.56 -19.85 -10.19
N PHE B 170 8.80 -19.20 -9.32
CA PHE B 170 8.66 -17.75 -9.28
C PHE B 170 9.27 -17.20 -7.99
N CYS B 171 9.60 -15.91 -8.00
CA CYS B 171 10.34 -15.32 -6.89
C CYS B 171 9.43 -14.36 -6.14
N LEU B 172 9.27 -14.60 -4.85
CA LEU B 172 8.35 -13.86 -4.00
C LEU B 172 9.04 -13.41 -2.72
N ILE B 173 8.39 -12.50 -1.99
CA ILE B 173 8.99 -11.89 -0.81
C ILE B 173 9.13 -12.94 0.29
N SER B 174 10.36 -13.09 0.80
CA SER B 174 10.68 -14.09 1.81
C SER B 174 11.25 -13.37 3.03
N GLY B 175 10.37 -13.05 3.99
CA GLY B 175 10.77 -12.23 5.11
C GLY B 175 11.38 -10.91 4.72
N SER B 176 12.71 -10.81 4.83
CA SER B 176 13.39 -9.55 4.58
C SER B 176 13.65 -9.33 3.10
N SER B 177 14.17 -10.33 2.39
CA SER B 177 14.54 -10.22 0.99
C SER B 177 13.76 -11.23 0.15
N VAL B 178 14.02 -11.20 -1.16
CA VAL B 178 13.28 -12.04 -2.08
C VAL B 178 13.97 -13.41 -2.20
N GLN B 179 13.18 -14.40 -2.62
CA GLN B 179 13.68 -15.75 -2.80
C GLN B 179 12.74 -16.50 -3.72
N TRP B 180 13.24 -17.61 -4.28
CA TRP B 180 12.47 -18.39 -5.22
C TRP B 180 11.44 -19.24 -4.50
N SER B 181 10.28 -19.41 -5.13
CA SER B 181 9.22 -20.23 -4.54
C SER B 181 9.66 -21.68 -4.38
N ASP B 182 10.25 -22.25 -5.43
CA ASP B 182 10.50 -23.67 -5.48
C ASP B 182 11.98 -23.90 -5.71
N PRO B 183 12.60 -24.87 -5.02
CA PRO B 183 14.01 -25.14 -5.23
C PRO B 183 14.28 -25.67 -6.63
N LEU B 184 15.53 -25.89 -6.95
CA LEU B 184 15.89 -26.36 -8.28
C LEU B 184 15.45 -27.82 -8.43
N PRO B 185 14.76 -28.18 -9.50
CA PRO B 185 14.40 -29.59 -9.69
C PRO B 185 15.63 -30.42 -10.07
N GLU B 186 15.47 -31.73 -10.01
CA GLU B 186 16.55 -32.67 -10.29
C GLU B 186 16.22 -33.49 -11.53
N CYS B 187 17.14 -33.53 -12.48
CA CYS B 187 17.00 -34.37 -13.66
C CYS B 187 17.67 -35.71 -13.39
N ARG B 188 16.97 -36.81 -13.68
CA ARG B 188 17.53 -38.14 -13.55
C ARG B 188 17.30 -38.90 -14.84
N GLU B 189 18.36 -39.51 -15.35
CA GLU B 189 18.30 -40.16 -16.66
C GLU B 189 17.42 -41.40 -16.60
N ILE B 190 16.68 -41.63 -17.67
CA ILE B 190 15.80 -42.77 -17.75
C ILE B 190 16.63 -43.99 -18.16
N TYR B 191 16.30 -45.14 -17.58
CA TYR B 191 16.98 -46.40 -17.87
C TYR B 191 16.04 -47.30 -18.64
N CYS B 192 16.53 -47.91 -19.72
CA CYS B 192 15.74 -48.91 -20.43
C CYS B 192 15.59 -50.16 -19.55
N PRO B 193 14.41 -50.83 -19.61
CA PRO B 193 14.03 -51.78 -18.55
C PRO B 193 15.05 -52.87 -18.26
N ALA B 194 15.38 -53.67 -19.26
CA ALA B 194 16.33 -54.77 -19.10
C ALA B 194 16.72 -55.28 -20.47
N PRO B 195 17.95 -55.78 -20.65
CA PRO B 195 18.35 -56.31 -21.95
C PRO B 195 17.92 -57.75 -22.11
N PRO B 196 17.10 -58.05 -23.11
CA PRO B 196 16.64 -59.42 -23.30
C PRO B 196 17.80 -60.36 -23.63
N GLN B 197 17.83 -61.49 -22.96
CA GLN B 197 18.90 -62.47 -23.11
C GLN B 197 18.51 -63.49 -24.18
N ILE B 198 19.41 -63.69 -25.15
CA ILE B 198 19.11 -64.50 -26.33
C ILE B 198 19.51 -65.95 -26.07
N ASP B 199 18.69 -66.87 -26.53
CA ASP B 199 19.02 -68.30 -26.45
C ASP B 199 20.08 -68.64 -27.48
N ASN B 200 21.22 -69.14 -27.00
CA ASN B 200 22.38 -69.52 -27.81
C ASN B 200 23.08 -68.27 -28.35
N GLY B 201 23.06 -67.20 -27.56
CA GLY B 201 23.67 -65.95 -27.97
C GLY B 201 24.22 -65.15 -26.82
N ILE B 202 25.49 -64.82 -26.87
CA ILE B 202 26.15 -64.05 -25.81
C ILE B 202 25.96 -62.57 -26.10
N ILE B 203 25.76 -61.79 -25.04
CA ILE B 203 25.63 -60.34 -25.11
C ILE B 203 26.97 -59.75 -24.70
N GLN B 204 27.59 -59.00 -25.60
CA GLN B 204 28.92 -58.46 -25.35
C GLN B 204 28.88 -57.29 -24.38
N GLY B 205 29.83 -57.28 -23.44
CA GLY B 205 30.08 -56.14 -22.58
C GLY B 205 28.91 -55.61 -21.78
N GLU B 206 28.37 -56.43 -20.89
CA GLU B 206 27.27 -55.99 -20.04
C GLU B 206 27.75 -54.95 -19.03
N ARG B 207 26.98 -53.89 -18.86
CA ARG B 207 27.22 -52.91 -17.81
C ARG B 207 26.14 -53.02 -16.74
N ASP B 208 26.40 -52.33 -15.63
CA ASP B 208 25.48 -52.36 -14.49
C ASP B 208 24.18 -51.66 -14.81
N HIS B 209 24.21 -50.62 -15.64
CA HIS B 209 23.03 -49.86 -16.01
C HIS B 209 23.16 -49.41 -17.45
N TYR B 210 22.03 -49.35 -18.14
CA TYR B 210 21.99 -48.99 -19.56
C TYR B 210 21.08 -47.77 -19.73
N GLY B 211 21.67 -46.68 -20.23
CA GLY B 211 20.96 -45.41 -20.39
C GLY B 211 20.39 -45.22 -21.78
N TYR B 212 20.10 -43.95 -22.10
CA TYR B 212 19.45 -43.60 -23.35
C TYR B 212 20.45 -43.52 -24.50
N ARG B 213 19.94 -43.71 -25.72
CA ARG B 213 20.70 -43.75 -26.97
C ARG B 213 21.74 -44.86 -26.96
N GLN B 214 21.66 -45.78 -26.00
CA GLN B 214 22.61 -46.86 -25.88
C GLN B 214 22.19 -48.03 -26.75
N SER B 215 23.15 -48.60 -27.48
CA SER B 215 22.93 -49.77 -28.31
C SER B 215 23.63 -50.96 -27.68
N VAL B 216 22.88 -52.04 -27.49
CA VAL B 216 23.41 -53.26 -26.87
C VAL B 216 23.58 -54.33 -27.93
N THR B 217 24.77 -54.89 -28.01
CA THR B 217 25.20 -55.68 -29.16
C THR B 217 25.13 -57.17 -28.85
N TYR B 218 24.57 -57.94 -29.78
CA TYR B 218 24.42 -59.38 -29.64
C TYR B 218 25.32 -60.10 -30.62
N ALA B 219 25.69 -61.33 -30.24
CA ALA B 219 26.47 -62.24 -31.08
C ALA B 219 25.95 -63.64 -30.85
N CYS B 220 25.87 -64.43 -31.91
CA CYS B 220 25.40 -65.80 -31.77
C CYS B 220 26.54 -66.70 -31.31
N ASN B 221 26.18 -67.89 -30.82
CA ASN B 221 27.18 -68.85 -30.41
C ASN B 221 27.81 -69.51 -31.64
N LYS B 222 28.87 -70.28 -31.41
CA LYS B 222 29.47 -71.04 -32.50
C LYS B 222 28.42 -71.90 -33.19
N GLY B 223 28.46 -71.93 -34.51
CA GLY B 223 27.57 -72.75 -35.30
C GLY B 223 26.14 -72.27 -35.40
N PHE B 224 25.88 -71.00 -35.12
CA PHE B 224 24.51 -70.49 -35.18
C PHE B 224 24.48 -69.26 -36.10
N THR B 225 23.43 -69.16 -36.92
CA THR B 225 23.38 -68.18 -37.98
C THR B 225 22.63 -66.94 -37.49
N MET B 226 22.42 -65.97 -38.39
CA MET B 226 21.58 -64.79 -38.14
C MET B 226 22.18 -63.89 -37.07
N ILE B 227 23.50 -63.74 -37.08
CA ILE B 227 24.16 -62.71 -36.29
C ILE B 227 23.94 -61.33 -36.88
N GLY B 228 23.39 -61.27 -38.10
CA GLY B 228 23.20 -60.06 -38.87
C GLY B 228 21.83 -59.42 -38.81
N GLU B 229 20.98 -59.83 -37.86
CA GLU B 229 19.80 -59.06 -37.50
C GLU B 229 20.16 -57.76 -36.81
N HIS B 230 21.45 -57.43 -36.73
CA HIS B 230 21.95 -56.25 -36.06
C HIS B 230 21.58 -56.32 -34.58
N SER B 231 21.62 -55.18 -33.91
CA SER B 231 21.28 -55.10 -32.50
C SER B 231 20.13 -54.13 -32.30
N ILE B 232 19.76 -53.93 -31.04
CA ILE B 232 18.70 -53.00 -30.68
C ILE B 232 19.31 -51.89 -29.84
N TYR B 233 18.62 -50.75 -29.82
CA TYR B 233 19.06 -49.57 -29.10
C TYR B 233 17.97 -49.07 -28.16
N CYS B 234 18.37 -48.22 -27.22
CA CYS B 234 17.50 -47.73 -26.15
C CYS B 234 16.71 -46.51 -26.60
N THR B 235 15.39 -46.63 -26.56
CA THR B 235 14.46 -45.56 -26.91
C THR B 235 13.58 -45.25 -25.70
N VAL B 236 13.32 -43.97 -25.47
CA VAL B 236 12.45 -43.54 -24.37
C VAL B 236 11.29 -42.73 -24.93
N ASN B 237 10.07 -43.09 -24.52
CA ASN B 237 8.85 -42.38 -24.91
C ASN B 237 8.07 -42.06 -23.66
N ASN B 238 7.84 -40.79 -23.38
CA ASN B 238 6.97 -40.37 -22.27
C ASN B 238 7.33 -41.10 -20.98
N ASP B 239 8.62 -41.14 -20.67
CA ASP B 239 9.23 -41.69 -19.45
C ASP B 239 9.26 -43.22 -19.45
N GLU B 240 8.74 -43.89 -20.47
CA GLU B 240 8.79 -45.34 -20.54
C GLU B 240 9.93 -45.76 -21.45
N GLY B 241 10.69 -46.77 -21.02
CA GLY B 241 11.84 -47.24 -21.77
C GLY B 241 11.44 -48.35 -22.72
N GLU B 242 11.81 -48.18 -23.99
CA GLU B 242 11.45 -49.13 -25.04
C GLU B 242 12.70 -49.52 -25.81
N TRP B 243 12.75 -50.79 -26.22
CA TRP B 243 13.76 -51.26 -27.15
C TRP B 243 13.15 -51.26 -28.54
N SER B 244 13.93 -50.80 -29.53
CA SER B 244 13.43 -50.44 -30.85
C SER B 244 12.74 -51.55 -31.63
N GLY B 245 13.51 -52.56 -32.01
CA GLY B 245 12.95 -53.72 -32.67
C GLY B 245 12.90 -54.86 -31.68
N PRO B 246 12.36 -56.00 -32.11
CA PRO B 246 12.48 -57.22 -31.31
C PRO B 246 13.94 -57.60 -31.17
N PRO B 247 14.28 -58.39 -30.15
CA PRO B 247 15.67 -58.83 -30.00
C PRO B 247 16.06 -59.80 -31.09
N PRO B 248 17.30 -59.75 -31.58
CA PRO B 248 17.72 -60.64 -32.65
C PRO B 248 17.71 -62.10 -32.21
N GLU B 249 17.54 -62.98 -33.19
CA GLU B 249 17.35 -64.41 -32.93
C GLU B 249 18.51 -65.21 -33.50
N CYS B 250 18.90 -66.26 -32.78
CA CYS B 250 20.00 -67.14 -33.18
C CYS B 250 19.42 -68.42 -33.77
N ARG B 251 19.89 -68.78 -34.97
CA ARG B 251 19.37 -69.93 -35.70
C ARG B 251 20.52 -70.73 -36.32
C1 NAG C . -0.30 29.14 3.46
C2 NAG C . 0.14 29.62 4.84
C3 NAG C . 1.34 30.55 4.71
C4 NAG C . 2.48 29.83 3.99
C5 NAG C . 1.97 29.28 2.65
C6 NAG C . 2.99 28.41 1.95
C7 NAG C . -1.29 29.89 6.81
C8 NAG C . -0.49 28.77 7.42
N2 NAG C . -0.95 30.25 5.57
O3 NAG C . 1.72 31.00 6.00
O4 NAG C . 3.56 30.70 3.69
O5 NAG C . 0.79 28.48 2.81
O6 NAG C . 2.40 27.77 0.82
O7 NAG C . -2.22 30.43 7.41
C1 NAG C . 4.44 31.06 4.77
C2 NAG C . 5.86 30.49 4.60
C3 NAG C . 6.81 31.06 5.66
C4 NAG C . 6.79 32.57 5.62
C5 NAG C . 5.35 33.06 5.84
C6 NAG C . 5.21 34.55 5.74
C7 NAG C . 5.98 28.28 3.55
C8 NAG C . 5.96 26.79 3.77
N2 NAG C . 5.86 29.03 4.64
O3 NAG C . 8.12 30.56 5.46
O4 NAG C . 7.63 33.12 6.63
O5 NAG C . 4.50 32.50 4.83
O6 NAG C . 3.85 34.93 5.55
O7 NAG C . 6.10 28.77 2.42
CA CA D . -7.47 5.23 5.52
CA CA E . -13.40 29.43 24.21
C1 NAG F . -11.45 -16.81 -8.37
C2 NAG F . -11.76 -16.72 -9.87
C3 NAG F . -13.26 -16.48 -10.07
C4 NAG F . -14.05 -17.58 -9.37
C5 NAG F . -13.62 -17.75 -7.90
C6 NAG F . -14.21 -18.98 -7.26
C7 NAG F . -10.45 -15.82 -11.76
C8 NAG F . -10.66 -17.16 -12.41
N2 NAG F . -10.99 -15.68 -10.53
O3 NAG F . -13.58 -16.45 -11.45
O4 NAG F . -15.44 -17.26 -9.40
O5 NAG F . -12.19 -17.89 -7.80
O6 NAG F . -13.39 -20.11 -7.53
O7 NAG F . -9.81 -14.93 -12.30
C1 NAG G . -23.87 8.93 8.12
C2 NAG G . -23.89 7.49 8.70
C3 NAG G . -25.32 6.94 8.71
C4 NAG G . -26.31 7.93 9.30
C5 NAG G . -26.16 9.29 8.62
C6 NAG G . -27.08 10.35 9.18
C7 NAG G . -22.24 5.69 8.45
C8 NAG G . -21.43 4.88 7.48
N2 NAG G . -23.02 6.63 7.91
O3 NAG G . -25.36 5.72 9.44
O4 NAG G . -27.64 7.46 9.12
O5 NAG G . -24.82 9.75 8.81
O6 NAG G . -28.33 10.35 8.50
O7 NAG G . -22.17 5.51 9.66
#